data_8SBH
#
_entry.id   8SBH
#
_cell.length_a   71.098
_cell.length_b   71.098
_cell.length_c   196.336
_cell.angle_alpha   90.000
_cell.angle_beta   90.000
_cell.angle_gamma   90.000
#
_symmetry.space_group_name_H-M   'P 43 21 2'
#
loop_
_entity.id
_entity.type
_entity.pdbx_description
1 polymer 'Transcriptional regulator YeiE, LysR family'
2 non-polymer 'SULFATE ION'
3 non-polymer GLYCEROL
4 non-polymer 'CHLORIDE ION'
5 water water
#
_entity_poly.entity_id   1
_entity_poly.type   'polypeptide(L)'
_entity_poly.pdbx_seq_one_letter_code
;MIRIYASSTIGNYILPAVIARYRHDYPQLPIELSVGNSQDVMQAVLDFRVDIGFIEGP(CME)HSTEIISEPWLEDELVV
FAAPTSPLARGPVTLEQLAAAPWILRERGSGTREIVDYLLLSHLPKFEMAMELGNSEAIKHAVRHGLGISCLSRRVIEDQ
LQAGTLSEVAVPLPRLMRTLWRIHHRQKHLSNALRRFLDYCDPANVPRHHHHH
;
_entity_poly.pdbx_strand_id   A,B
#
# COMPACT_ATOMS: atom_id res chain seq x y z
N MET A 1 11.23 11.64 -21.24
CA MET A 1 10.69 10.80 -20.18
CA MET A 1 10.66 10.82 -20.17
C MET A 1 11.01 11.39 -18.80
N ILE A 2 10.09 11.24 -17.87
CA ILE A 2 10.29 11.65 -16.48
C ILE A 2 10.21 10.41 -15.61
N ARG A 3 11.31 10.06 -14.96
CA ARG A 3 11.38 8.91 -14.06
C ARG A 3 11.36 9.41 -12.62
N ILE A 4 10.38 8.93 -11.85
CA ILE A 4 10.14 9.41 -10.49
C ILE A 4 10.24 8.24 -9.53
N TYR A 5 10.85 8.50 -8.37
CA TYR A 5 10.74 7.61 -7.21
C TYR A 5 10.14 8.43 -6.08
N ALA A 6 9.09 7.91 -5.44
CA ALA A 6 8.38 8.64 -4.40
C ALA A 6 8.18 7.75 -3.19
N SER A 7 8.13 8.40 -2.02
CA SER A 7 7.83 7.69 -0.78
C SER A 7 6.36 7.28 -0.74
N SER A 8 5.99 6.53 0.30
CA SER A 8 4.74 5.79 0.27
C SER A 8 3.53 6.72 0.26
N THR A 9 3.49 7.70 1.16
CA THR A 9 2.34 8.60 1.19
C THR A 9 2.26 9.40 -0.10
N ILE A 10 3.40 9.87 -0.60
CA ILE A 10 3.41 10.73 -1.78
C ILE A 10 3.05 9.93 -3.02
N GLY A 11 3.66 8.75 -3.19
CA GLY A 11 3.43 7.98 -4.40
C GLY A 11 2.06 7.35 -4.48
N ASN A 12 1.45 7.03 -3.33
CA ASN A 12 0.19 6.31 -3.32
C ASN A 12 -1.03 7.21 -3.13
N TYR A 13 -0.85 8.44 -2.59
CA TYR A 13 -1.99 9.28 -2.28
C TYR A 13 -1.90 10.70 -2.86
N ILE A 14 -0.84 11.05 -3.57
CA ILE A 14 -0.72 12.40 -4.11
C ILE A 14 -0.41 12.37 -5.60
N LEU A 15 0.70 11.75 -5.98
CA LEU A 15 1.23 11.94 -7.33
C LEU A 15 0.35 11.33 -8.42
N PRO A 16 -0.37 10.23 -8.15
CA PRO A 16 -1.28 9.74 -9.21
C PRO A 16 -2.30 10.78 -9.66
N ALA A 17 -2.80 11.60 -8.74
CA ALA A 17 -3.71 12.67 -9.13
C ALA A 17 -2.99 13.73 -9.96
N VAL A 18 -1.75 14.06 -9.57
CA VAL A 18 -0.97 15.03 -10.34
C VAL A 18 -0.70 14.49 -11.75
N ILE A 19 -0.29 13.23 -11.83
CA ILE A 19 0.03 12.65 -13.14
C ILE A 19 -1.21 12.60 -14.02
N ALA A 20 -2.37 12.34 -13.43
CA ALA A 20 -3.61 12.34 -14.20
C ALA A 20 -3.84 13.70 -14.86
N ARG A 21 -3.68 14.77 -14.09
CA ARG A 21 -3.86 16.11 -14.66
C ARG A 21 -2.80 16.42 -15.70
N TYR A 22 -1.57 15.99 -15.45
CA TYR A 22 -0.48 16.26 -16.40
C TYR A 22 -0.69 15.49 -17.69
N ARG A 23 -0.95 14.19 -17.60
CA ARG A 23 -1.14 13.38 -18.80
C ARG A 23 -2.32 13.88 -19.63
N HIS A 24 -3.31 14.52 -18.98
CA HIS A 24 -4.43 15.08 -19.72
C HIS A 24 -3.96 16.17 -20.67
N ASP A 25 -3.01 16.99 -20.23
CA ASP A 25 -2.50 18.08 -21.06
C ASP A 25 -1.31 17.67 -21.92
N TYR A 26 -0.56 16.65 -21.50
CA TYR A 26 0.61 16.16 -22.23
C TYR A 26 0.47 14.65 -22.40
N PRO A 27 -0.47 14.22 -23.25
CA PRO A 27 -0.74 12.78 -23.36
C PRO A 27 0.38 11.97 -23.99
N GLN A 28 1.38 12.61 -24.60
CA GLN A 28 2.46 11.90 -25.29
C GLN A 28 3.82 12.12 -24.63
N LEU A 29 3.84 12.51 -23.36
CA LEU A 29 5.07 12.61 -22.59
C LEU A 29 5.04 11.56 -21.48
N PRO A 30 5.81 10.47 -21.59
CA PRO A 30 5.66 9.37 -20.62
C PRO A 30 6.22 9.72 -19.26
N ILE A 31 5.65 9.06 -18.24
CA ILE A 31 6.11 9.18 -16.86
C ILE A 31 6.21 7.78 -16.28
N GLU A 32 7.30 7.53 -15.55
CA GLU A 32 7.49 6.31 -14.79
C GLU A 32 7.52 6.67 -13.31
N LEU A 33 6.70 5.97 -12.51
CA LEU A 33 6.60 6.22 -11.08
C LEU A 33 6.87 4.93 -10.33
N SER A 34 7.91 4.95 -9.49
CA SER A 34 8.20 3.89 -8.54
C SER A 34 7.88 4.41 -7.13
N VAL A 35 7.38 3.52 -6.28
CA VAL A 35 6.98 3.89 -4.93
C VAL A 35 7.66 2.96 -3.94
N GLY A 36 8.26 3.54 -2.91
CA GLY A 36 8.87 2.79 -1.83
C GLY A 36 8.87 3.64 -0.57
N ASN A 37 9.82 3.39 0.31
CA ASN A 37 10.01 4.28 1.44
C ASN A 37 11.04 5.35 1.07
N SER A 38 11.20 6.32 1.97
CA SER A 38 12.06 7.47 1.65
C SER A 38 13.51 7.03 1.42
N GLN A 39 13.97 6.02 2.15
CA GLN A 39 15.32 5.52 1.93
C GLN A 39 15.46 4.95 0.52
N ASP A 40 14.44 4.22 0.05
CA ASP A 40 14.45 3.74 -1.32
C ASP A 40 14.60 4.89 -2.31
N VAL A 41 13.84 5.97 -2.09
CA VAL A 41 13.93 7.13 -2.97
C VAL A 41 15.35 7.69 -2.98
N MET A 42 15.91 7.91 -1.79
CA MET A 42 17.24 8.48 -1.68
C MET A 42 18.25 7.68 -2.49
N GLN A 43 18.23 6.35 -2.33
CA GLN A 43 19.22 5.53 -3.02
C GLN A 43 19.01 5.59 -4.52
N ALA A 44 17.76 5.61 -4.98
CA ALA A 44 17.50 5.70 -6.40
C ALA A 44 18.02 7.01 -6.98
N VAL A 45 17.82 8.11 -6.25
CA VAL A 45 18.34 9.40 -6.69
C VAL A 45 19.86 9.39 -6.68
N LEU A 46 20.46 8.89 -5.60
CA LEU A 46 21.92 8.83 -5.50
C LEU A 46 22.52 7.95 -6.59
N ASP A 47 21.82 6.91 -7.00
CA ASP A 47 22.29 6.01 -8.05
C ASP A 47 21.95 6.52 -9.45
N PHE A 48 21.35 7.70 -9.57
CA PHE A 48 20.95 8.26 -10.86
C PHE A 48 20.01 7.32 -11.62
N ARG A 49 19.20 6.56 -10.89
CA ARG A 49 18.23 5.67 -11.51
C ARG A 49 16.90 6.35 -11.81
N VAL A 50 16.65 7.52 -11.21
CA VAL A 50 15.48 8.33 -11.51
C VAL A 50 15.95 9.77 -11.70
N ASP A 51 15.05 10.59 -12.24
CA ASP A 51 15.32 12.01 -12.44
C ASP A 51 15.05 12.84 -11.20
N ILE A 52 14.03 12.47 -10.43
CA ILE A 52 13.55 13.28 -9.32
C ILE A 52 12.98 12.34 -8.27
N GLY A 53 13.10 12.75 -7.00
CA GLY A 53 12.54 11.99 -5.91
C GLY A 53 11.64 12.85 -5.05
N PHE A 54 10.75 12.18 -4.32
CA PHE A 54 9.86 12.80 -3.35
C PHE A 54 9.92 11.98 -2.07
N ILE A 55 10.18 12.64 -0.94
CA ILE A 55 10.34 11.95 0.33
C ILE A 55 9.53 12.66 1.41
N GLU A 56 9.27 11.93 2.49
CA GLU A 56 8.48 12.42 3.61
C GLU A 56 9.20 12.21 4.93
N GLY A 57 10.53 12.26 4.91
CA GLY A 57 11.31 12.20 6.12
C GLY A 57 12.57 13.03 5.98
N PRO A 58 13.26 13.28 7.10
CA PRO A 58 14.45 14.11 7.03
C PRO A 58 15.64 13.30 6.57
N HIS A 60 19.09 12.97 4.70
CA HIS A 60 20.20 13.88 4.52
C HIS A 60 21.32 13.26 3.69
N SER A 61 21.90 14.08 2.82
CA SER A 61 23.03 13.67 2.01
C SER A 61 23.67 14.89 1.37
N THR A 62 25.00 15.00 1.45
CA THR A 62 25.68 16.13 0.84
C THR A 62 25.53 16.12 -0.69
N GLU A 63 25.11 15.00 -1.26
CA GLU A 63 24.97 14.87 -2.71
C GLU A 63 23.54 15.14 -3.18
N ILE A 64 22.64 15.54 -2.30
CA ILE A 64 21.23 15.69 -2.62
C ILE A 64 20.80 17.12 -2.33
N ILE A 65 20.01 17.68 -3.25
CA ILE A 65 19.35 18.97 -3.06
C ILE A 65 17.91 18.69 -2.66
N SER A 66 17.48 19.22 -1.52
CA SER A 66 16.14 19.02 -1.00
C SER A 66 15.39 20.33 -1.00
N GLU A 67 14.18 20.34 -1.56
CA GLU A 67 13.39 21.56 -1.64
C GLU A 67 12.01 21.31 -1.06
N PRO A 68 11.48 22.25 -0.25
CA PRO A 68 10.17 22.02 0.37
C PRO A 68 9.06 22.11 -0.67
N TRP A 69 8.14 21.15 -0.61
CA TRP A 69 7.09 21.01 -1.62
C TRP A 69 5.70 21.18 -1.02
N LEU A 70 5.32 20.35 -0.06
CA LEU A 70 3.99 20.41 0.53
C LEU A 70 4.10 20.23 2.03
N GLU A 71 3.13 20.79 2.75
CA GLU A 71 2.95 20.45 4.16
C GLU A 71 2.13 19.18 4.28
N ASP A 72 2.28 18.50 5.42
CA ASP A 72 1.59 17.24 5.66
C ASP A 72 1.41 17.08 7.16
N GLU A 73 0.20 16.74 7.57
CA GLU A 73 -0.12 16.55 8.99
C GLU A 73 -0.12 15.06 9.32
N LEU A 74 0.64 14.70 10.36
CA LEU A 74 0.58 13.36 10.92
C LEU A 74 -0.49 13.31 12.00
N VAL A 75 -1.19 12.19 12.06
CA VAL A 75 -2.36 12.04 12.93
C VAL A 75 -2.24 10.74 13.69
N VAL A 76 -2.37 10.82 15.01
CA VAL A 76 -2.53 9.62 15.84
C VAL A 76 -3.98 9.15 15.69
N PHE A 77 -4.16 7.86 15.48
CA PHE A 77 -5.48 7.31 15.24
C PHE A 77 -5.60 5.93 15.88
N ALA A 78 -6.86 5.53 16.09
CA ALA A 78 -7.16 4.28 16.78
C ALA A 78 -8.49 3.76 16.28
N ALA A 79 -8.79 2.51 16.65
CA ALA A 79 -10.11 1.97 16.39
C ALA A 79 -11.16 2.83 17.06
N PRO A 80 -12.36 2.96 16.48
CA PRO A 80 -13.38 3.83 17.08
C PRO A 80 -13.78 3.41 18.48
N THR A 81 -13.60 2.14 18.84
CA THR A 81 -13.95 1.65 20.17
C THR A 81 -12.85 1.88 21.19
N SER A 82 -11.69 2.38 20.77
CA SER A 82 -10.59 2.59 21.71
C SER A 82 -10.95 3.68 22.72
N PRO A 83 -10.56 3.53 23.98
CA PRO A 83 -10.78 4.63 24.93
C PRO A 83 -10.11 5.92 24.51
N LEU A 84 -9.03 5.82 23.73
CA LEU A 84 -8.30 7.00 23.26
C LEU A 84 -9.03 7.76 22.17
N ALA A 85 -10.08 7.19 21.58
CA ALA A 85 -10.78 7.81 20.47
C ALA A 85 -11.68 8.96 20.91
N ARG A 86 -11.87 9.16 22.21
CA ARG A 86 -12.77 10.19 22.71
C ARG A 86 -12.10 10.92 23.88
N GLY A 87 -12.22 12.23 23.88
CA GLY A 87 -11.78 13.04 24.99
C GLY A 87 -10.29 13.30 24.97
N PRO A 88 -9.82 14.15 25.89
CA PRO A 88 -8.39 14.43 25.97
C PRO A 88 -7.61 13.21 26.43
N VAL A 89 -6.41 13.04 25.87
CA VAL A 89 -5.50 11.99 26.29
C VAL A 89 -4.16 12.62 26.62
N THR A 90 -3.42 11.96 27.51
CA THR A 90 -2.11 12.42 27.94
C THR A 90 -1.02 11.61 27.26
N LEU A 91 0.20 12.14 27.32
CA LEU A 91 1.34 11.41 26.76
C LEU A 91 1.52 10.07 27.46
N GLU A 92 1.25 10.01 28.76
CA GLU A 92 1.36 8.75 29.48
C GLU A 92 0.31 7.74 29.01
N GLN A 93 -0.89 8.22 28.71
CA GLN A 93 -1.91 7.33 28.12
C GLN A 93 -1.43 6.78 26.79
N LEU A 94 -0.85 7.64 25.95
CA LEU A 94 -0.33 7.17 24.66
C LEU A 94 0.77 6.14 24.86
N ALA A 95 1.64 6.35 25.85
CA ALA A 95 2.74 5.42 26.08
C ALA A 95 2.25 4.07 26.59
N ALA A 96 1.05 3.99 27.14
CA ALA A 96 0.49 2.74 27.64
C ALA A 96 -0.25 1.96 26.57
N ALA A 97 -0.39 2.51 25.35
CA ALA A 97 -1.11 1.82 24.29
C ALA A 97 -0.14 1.01 23.43
N PRO A 98 -0.61 -0.07 22.82
CA PRO A 98 0.25 -0.81 21.87
C PRO A 98 0.45 -0.01 20.60
N TRP A 99 1.70 0.20 20.23
CA TRP A 99 2.04 1.01 19.07
C TRP A 99 2.42 0.14 17.88
N ILE A 100 1.91 0.52 16.71
CA ILE A 100 2.22 -0.14 15.44
C ILE A 100 3.01 0.86 14.61
N LEU A 101 4.22 0.49 14.23
CA LEU A 101 5.17 1.42 13.61
C LEU A 101 5.62 0.91 12.26
N ARG A 102 6.08 1.85 11.43
CA ARG A 102 6.66 1.53 10.14
C ARG A 102 8.10 1.05 10.30
N GLU A 103 8.67 0.60 9.19
CA GLU A 103 9.99 0.01 9.20
C GLU A 103 11.08 1.09 9.21
N ARG A 104 12.28 0.67 9.60
CA ARG A 104 13.47 1.49 9.44
C ARG A 104 13.67 1.84 7.98
N GLY A 105 13.95 3.11 7.70
CA GLY A 105 14.02 3.62 6.36
C GLY A 105 12.79 4.40 5.93
N SER A 106 11.70 4.28 6.68
CA SER A 106 10.51 5.08 6.43
C SER A 106 10.70 6.48 7.00
N GLY A 107 10.44 7.48 6.16
CA GLY A 107 10.46 8.85 6.66
C GLY A 107 9.40 9.08 7.73
N THR A 108 8.22 8.49 7.55
CA THR A 108 7.17 8.60 8.55
C THR A 108 7.65 8.10 9.91
N ARG A 109 8.34 6.96 9.93
CA ARG A 109 8.85 6.44 11.20
C ARG A 109 9.76 7.44 11.89
N GLU A 110 10.70 8.02 11.14
CA GLU A 110 11.64 8.95 11.75
C GLU A 110 10.94 10.20 12.27
N ILE A 111 10.02 10.76 11.49
CA ILE A 111 9.35 11.97 11.91
C ILE A 111 8.44 11.70 13.11
N VAL A 112 7.72 10.58 13.08
CA VAL A 112 6.87 10.23 14.22
C VAL A 112 7.70 10.06 15.47
N ASP A 113 8.91 9.50 15.34
CA ASP A 113 9.77 9.34 16.50
C ASP A 113 10.18 10.69 17.07
N TYR A 114 10.57 11.63 16.22
CA TYR A 114 11.02 12.92 16.72
C TYR A 114 9.85 13.72 17.29
N LEU A 115 8.76 13.83 16.53
CA LEU A 115 7.68 14.74 16.90
C LEU A 115 6.86 14.21 18.06
N LEU A 116 6.80 12.89 18.24
CA LEU A 116 5.87 12.32 19.20
C LEU A 116 6.52 11.31 20.13
N LEU A 117 7.03 10.21 19.57
CA LEU A 117 7.44 9.09 20.42
C LEU A 117 8.62 9.48 21.32
N SER A 118 9.48 10.39 20.87
CA SER A 118 10.58 10.84 21.71
C SER A 118 10.08 11.50 22.99
N HIS A 119 8.82 11.93 23.02
CA HIS A 119 8.24 12.56 24.21
C HIS A 119 7.41 11.58 25.03
N LEU A 120 7.35 10.32 24.64
CA LEU A 120 6.55 9.37 25.39
C LEU A 120 7.40 8.63 26.42
N PRO A 121 6.85 8.32 27.59
CA PRO A 121 7.50 7.33 28.46
C PRO A 121 7.76 6.03 27.71
N LYS A 122 8.41 5.08 28.38
CA LYS A 122 8.58 3.74 27.83
C LYS A 122 7.26 3.22 27.26
N PHE A 123 7.29 2.84 25.99
CA PHE A 123 6.11 2.34 25.30
C PHE A 123 6.49 1.07 24.55
N GLU A 124 5.51 0.19 24.38
CA GLU A 124 5.73 -1.07 23.66
C GLU A 124 5.42 -0.86 22.19
N MET A 125 6.30 -1.36 21.32
CA MET A 125 5.98 -1.52 19.91
C MET A 125 5.34 -2.89 19.74
N ALA A 126 4.03 -2.90 19.48
CA ALA A 126 3.31 -4.18 19.35
C ALA A 126 3.68 -4.88 18.05
N MET A 127 3.78 -4.13 16.96
CA MET A 127 4.17 -4.71 15.68
C MET A 127 4.93 -3.68 14.87
N GLU A 128 5.81 -4.17 13.99
CA GLU A 128 6.45 -3.37 12.97
C GLU A 128 5.96 -3.88 11.62
N LEU A 129 5.40 -2.99 10.82
CA LEU A 129 4.82 -3.34 9.52
C LEU A 129 5.41 -2.45 8.45
N GLY A 130 5.66 -3.03 7.28
CA GLY A 130 6.40 -2.38 6.23
C GLY A 130 5.61 -1.51 5.29
N ASN A 131 4.32 -1.25 5.55
CA ASN A 131 3.56 -0.31 4.75
C ASN A 131 2.41 0.24 5.58
N SER A 132 1.89 1.38 5.13
CA SER A 132 0.88 2.11 5.90
C SER A 132 -0.49 1.45 5.83
N GLU A 133 -0.77 0.66 4.80
N GLU A 133 -0.77 0.67 4.78
CA GLU A 133 -2.09 0.05 4.70
CA GLU A 133 -2.06 0.02 4.66
C GLU A 133 -2.23 -1.11 5.68
C GLU A 133 -2.21 -1.08 5.71
N ALA A 134 -1.18 -1.92 5.86
CA ALA A 134 -1.21 -2.95 6.89
C ALA A 134 -1.42 -2.31 8.26
N ILE A 135 -0.80 -1.17 8.51
CA ILE A 135 -0.97 -0.49 9.80
C ILE A 135 -2.41 -0.02 9.97
N LYS A 136 -2.95 0.66 8.96
CA LYS A 136 -4.32 1.13 9.04
C LYS A 136 -5.27 0.01 9.44
N HIS A 137 -5.15 -1.15 8.78
CA HIS A 137 -6.08 -2.24 9.04
C HIS A 137 -5.79 -2.93 10.36
N ALA A 138 -4.52 -3.04 10.74
CA ALA A 138 -4.21 -3.57 12.07
C ALA A 138 -4.84 -2.71 13.16
N VAL A 139 -4.75 -1.39 13.02
CA VAL A 139 -5.36 -0.49 14.00
C VAL A 139 -6.88 -0.63 13.97
N ARG A 140 -7.47 -0.69 12.76
CA ARG A 140 -8.92 -0.81 12.66
C ARG A 140 -9.43 -2.02 13.44
N HIS A 141 -8.66 -3.10 13.49
CA HIS A 141 -9.06 -4.32 14.18
C HIS A 141 -8.49 -4.41 15.59
N GLY A 142 -7.97 -3.31 16.12
CA GLY A 142 -7.66 -3.22 17.54
C GLY A 142 -6.32 -3.75 17.96
N LEU A 143 -5.40 -4.01 17.03
CA LEU A 143 -4.09 -4.51 17.41
C LEU A 143 -3.23 -3.42 18.05
N GLY A 144 -3.62 -2.16 17.96
CA GLY A 144 -2.87 -1.07 18.57
C GLY A 144 -3.29 0.25 17.96
N ILE A 145 -2.46 1.27 18.20
CA ILE A 145 -2.64 2.58 17.61
C ILE A 145 -1.40 2.92 16.79
N SER A 146 -1.50 3.97 15.99
CA SER A 146 -0.37 4.38 15.17
C SER A 146 -0.51 5.86 14.83
N CYS A 147 0.42 6.33 14.00
CA CYS A 147 0.48 7.73 13.60
C CYS A 147 0.92 7.79 12.14
N LEU A 148 0.05 8.29 11.28
CA LEU A 148 0.32 8.35 9.84
C LEU A 148 -0.20 9.66 9.29
N SER A 149 0.19 9.97 8.06
CA SER A 149 -0.33 11.14 7.37
C SER A 149 -1.84 11.11 7.34
N ARG A 150 -2.47 12.26 7.59
CA ARG A 150 -3.91 12.38 7.43
C ARG A 150 -4.35 11.92 6.05
N ARG A 151 -3.52 12.14 5.03
CA ARG A 151 -3.87 11.71 3.68
C ARG A 151 -4.07 10.21 3.60
N VAL A 152 -3.34 9.44 4.41
CA VAL A 152 -3.43 7.99 4.32
C VAL A 152 -4.71 7.46 4.95
N ILE A 153 -5.20 8.11 6.01
CA ILE A 153 -6.35 7.63 6.77
C ILE A 153 -7.60 8.46 6.52
N GLU A 154 -7.52 9.51 5.71
CA GLU A 154 -8.64 10.43 5.52
C GLU A 154 -9.93 9.67 5.21
N ASP A 155 -9.87 8.74 4.28
CA ASP A 155 -11.09 8.05 3.86
C ASP A 155 -11.68 7.22 4.99
N GLN A 156 -10.82 6.61 5.82
CA GLN A 156 -11.33 5.83 6.95
C GLN A 156 -11.90 6.74 8.02
N LEU A 157 -11.25 7.88 8.28
CA LEU A 157 -11.82 8.84 9.23
C LEU A 157 -13.21 9.28 8.81
N GLN A 158 -13.39 9.55 7.51
CA GLN A 158 -14.70 9.99 7.03
C GLN A 158 -15.74 8.89 7.17
N ALA A 159 -15.34 7.64 6.91
CA ALA A 159 -16.27 6.52 7.00
C ALA A 159 -16.46 6.01 8.42
N GLY A 160 -15.73 6.57 9.39
CA GLY A 160 -15.90 6.17 10.77
C GLY A 160 -15.27 4.86 11.15
N THR A 161 -14.42 4.28 10.30
CA THR A 161 -13.75 3.04 10.62
C THR A 161 -12.46 3.26 11.41
N LEU A 162 -11.96 4.49 11.45
CA LEU A 162 -10.84 4.87 12.29
C LEU A 162 -11.18 6.19 12.97
N SER A 163 -10.54 6.43 14.11
CA SER A 163 -10.82 7.63 14.90
C SER A 163 -9.53 8.38 15.19
N GLU A 164 -9.60 9.70 15.04
CA GLU A 164 -8.47 10.56 15.36
C GLU A 164 -8.33 10.69 16.87
N VAL A 165 -7.09 10.68 17.35
CA VAL A 165 -6.79 10.74 18.78
C VAL A 165 -6.22 12.10 19.10
N ALA A 166 -6.80 12.78 20.08
CA ALA A 166 -6.25 14.04 20.54
C ALA A 166 -4.86 13.81 21.13
N VAL A 167 -3.95 14.74 20.86
CA VAL A 167 -2.57 14.67 21.34
C VAL A 167 -2.25 16.01 21.99
N PRO A 168 -1.70 16.04 23.23
CA PRO A 168 -1.40 17.32 23.90
C PRO A 168 -0.11 17.98 23.40
N LEU A 169 0.04 18.02 22.10
CA LEU A 169 1.19 18.64 21.44
C LEU A 169 0.68 19.47 20.29
N PRO A 170 1.50 20.37 19.76
CA PRO A 170 1.11 21.09 18.54
C PRO A 170 0.81 20.11 17.42
N ARG A 171 0.05 20.57 16.43
N ARG A 171 0.03 20.56 16.45
CA ARG A 171 -0.23 19.76 15.26
CA ARG A 171 -0.24 19.75 15.27
C ARG A 171 1.06 19.18 14.72
C ARG A 171 1.07 19.16 14.75
N LEU A 172 1.05 17.86 14.45
CA LEU A 172 2.24 17.13 14.03
C LEU A 172 2.44 17.38 12.53
N MET A 173 3.09 18.49 12.21
CA MET A 173 3.32 18.90 10.84
C MET A 173 4.71 18.51 10.38
N ARG A 174 4.81 18.12 9.11
CA ARG A 174 6.09 17.84 8.47
C ARG A 174 6.07 18.41 7.06
N THR A 175 7.23 18.42 6.43
CA THR A 175 7.36 18.83 5.04
C THR A 175 7.53 17.61 4.15
N LEU A 176 6.85 17.61 3.02
CA LEU A 176 7.11 16.67 1.94
C LEU A 176 8.10 17.32 0.99
N TRP A 177 9.22 16.64 0.76
CA TRP A 177 10.36 17.23 0.06
C TRP A 177 10.48 16.71 -1.36
N ARG A 178 10.86 17.60 -2.27
CA ARG A 178 11.30 17.24 -3.61
C ARG A 178 12.83 17.23 -3.60
N ILE A 179 13.43 16.14 -4.08
CA ILE A 179 14.88 15.99 -4.05
C ILE A 179 15.39 15.60 -5.42
N HIS A 180 16.62 16.05 -5.72
CA HIS A 180 17.33 15.61 -6.91
C HIS A 180 18.82 15.65 -6.61
N HIS A 181 19.59 14.91 -7.40
CA HIS A 181 21.03 14.83 -7.17
C HIS A 181 21.67 16.18 -7.45
N ARG A 182 22.65 16.53 -6.62
CA ARG A 182 23.31 17.83 -6.76
C ARG A 182 23.96 17.99 -8.13
N GLN A 183 24.32 16.89 -8.78
CA GLN A 183 24.95 16.90 -10.09
C GLN A 183 23.93 16.72 -11.22
N LYS A 184 22.64 16.67 -10.90
CA LYS A 184 21.62 16.38 -11.90
C LYS A 184 21.08 17.66 -12.51
N HIS A 185 20.95 17.67 -13.82
CA HIS A 185 20.34 18.78 -14.57
C HIS A 185 18.88 18.42 -14.87
N LEU A 186 17.96 19.19 -14.31
CA LEU A 186 16.54 18.93 -14.50
C LEU A 186 16.10 19.40 -15.89
N SER A 187 15.38 18.54 -16.61
CA SER A 187 14.94 18.88 -17.95
C SER A 187 13.81 19.91 -17.89
N ASN A 188 13.61 20.60 -19.02
CA ASN A 188 12.50 21.53 -19.13
C ASN A 188 11.16 20.81 -19.02
N ALA A 189 11.08 19.58 -19.55
CA ALA A 189 9.84 18.82 -19.42
C ALA A 189 9.55 18.50 -17.96
N LEU A 190 10.58 18.17 -17.19
CA LEU A 190 10.37 17.88 -15.76
C LEU A 190 9.96 19.14 -15.01
N ARG A 191 10.66 20.25 -15.24
CA ARG A 191 10.27 21.50 -14.58
C ARG A 191 8.84 21.89 -14.95
N ARG A 192 8.40 21.54 -16.16
CA ARG A 192 7.00 21.77 -16.52
C ARG A 192 6.08 20.84 -15.72
N PHE A 193 6.48 19.59 -15.52
CA PHE A 193 5.67 18.69 -14.71
C PHE A 193 5.58 19.18 -13.27
N LEU A 194 6.66 19.76 -12.75
CA LEU A 194 6.65 20.25 -11.38
C LEU A 194 5.66 21.40 -11.20
N ASP A 195 5.34 22.12 -12.27
CA ASP A 195 4.28 23.13 -12.16
C ASP A 195 2.95 22.49 -11.82
N TYR A 196 2.68 21.28 -12.32
CA TYR A 196 1.48 20.57 -11.95
C TYR A 196 1.52 20.07 -10.51
N CYS A 197 2.71 19.86 -9.97
CA CYS A 197 2.85 19.48 -8.57
C CYS A 197 2.63 20.66 -7.64
N ASP A 198 2.81 21.88 -8.10
CA ASP A 198 2.63 23.05 -7.26
C ASP A 198 1.16 23.24 -6.94
N PRO A 199 0.77 23.40 -5.67
CA PRO A 199 -0.65 23.59 -5.34
C PRO A 199 -1.20 24.91 -5.86
N MET B 1 7.23 -18.14 18.37
CA MET B 1 7.17 -17.01 17.45
C MET B 1 6.82 -17.48 16.05
N ILE B 2 5.63 -17.10 15.59
CA ILE B 2 5.17 -17.43 14.24
C ILE B 2 5.58 -16.28 13.33
N ARG B 3 6.30 -16.61 12.26
CA ARG B 3 6.79 -15.62 11.30
C ARG B 3 6.08 -15.83 9.97
N ILE B 4 5.28 -14.83 9.56
CA ILE B 4 4.49 -14.90 8.35
C ILE B 4 5.05 -13.90 7.34
N TYR B 5 4.97 -14.27 6.07
CA TYR B 5 5.23 -13.37 4.95
C TYR B 5 4.07 -13.49 3.97
N ALA B 6 3.45 -12.37 3.64
CA ALA B 6 2.24 -12.38 2.83
C ALA B 6 2.31 -11.33 1.75
N SER B 7 1.70 -11.64 0.61
CA SER B 7 1.55 -10.66 -0.45
C SER B 7 0.56 -9.57 -0.02
N SER B 8 0.57 -8.48 -0.77
CA SER B 8 -0.05 -7.24 -0.28
C SER B 8 -1.55 -7.41 -0.04
N THR B 9 -2.26 -8.07 -0.96
CA THR B 9 -3.70 -8.23 -0.76
C THR B 9 -3.98 -8.98 0.53
N ILE B 10 -3.19 -10.01 0.82
CA ILE B 10 -3.43 -10.85 1.98
C ILE B 10 -2.92 -10.18 3.26
N GLY B 11 -1.72 -9.62 3.21
CA GLY B 11 -1.13 -9.04 4.41
C GLY B 11 -1.82 -7.77 4.86
N ASN B 12 -2.37 -6.99 3.93
CA ASN B 12 -2.99 -5.72 4.27
C ASN B 12 -4.49 -5.83 4.57
N TYR B 13 -5.20 -6.73 3.89
CA TYR B 13 -6.65 -6.73 3.94
C TYR B 13 -7.26 -7.97 4.57
N ILE B 14 -6.51 -9.05 4.77
CA ILE B 14 -7.04 -10.29 5.32
C ILE B 14 -6.44 -10.58 6.70
N LEU B 15 -5.11 -10.66 6.80
CA LEU B 15 -4.48 -11.19 8.00
C LEU B 15 -4.59 -10.27 9.22
N PRO B 16 -4.60 -8.95 9.05
CA PRO B 16 -4.74 -8.10 10.25
C PRO B 16 -5.93 -8.48 11.12
N ALA B 17 -7.09 -8.73 10.51
CA ALA B 17 -8.25 -9.15 11.29
C ALA B 17 -8.03 -10.52 11.91
N VAL B 18 -7.41 -11.44 11.16
CA VAL B 18 -7.17 -12.78 11.68
C VAL B 18 -6.25 -12.72 12.89
N ILE B 19 -5.15 -11.97 12.77
CA ILE B 19 -4.21 -11.83 13.87
C ILE B 19 -4.90 -11.25 15.10
N ALA B 20 -5.88 -10.37 14.90
CA ALA B 20 -6.60 -9.80 16.02
C ALA B 20 -7.40 -10.86 16.77
N ARG B 21 -8.21 -11.64 16.04
CA ARG B 21 -8.94 -12.72 16.68
C ARG B 21 -8.01 -13.70 17.38
N TYR B 22 -6.82 -13.92 16.83
CA TYR B 22 -5.89 -14.87 17.41
C TYR B 22 -5.23 -14.31 18.67
N ARG B 23 -4.62 -13.13 18.56
CA ARG B 23 -3.99 -12.53 19.73
C ARG B 23 -4.97 -12.28 20.86
N HIS B 24 -6.26 -12.13 20.54
CA HIS B 24 -7.27 -11.99 21.59
C HIS B 24 -7.45 -13.28 22.37
N ASP B 25 -7.18 -14.43 21.74
CA ASP B 25 -7.26 -15.73 22.40
C ASP B 25 -5.91 -16.25 22.84
N TYR B 26 -4.81 -15.75 22.27
CA TYR B 26 -3.45 -16.17 22.61
C TYR B 26 -2.57 -14.93 22.77
N PRO B 27 -2.80 -14.15 23.83
CA PRO B 27 -1.99 -12.93 24.01
C PRO B 27 -0.51 -13.20 24.24
N GLN B 28 -0.14 -14.36 24.77
CA GLN B 28 1.26 -14.63 25.06
C GLN B 28 2.02 -15.20 23.88
N LEU B 29 1.34 -15.51 22.78
CA LEU B 29 1.99 -16.11 21.62
C LEU B 29 2.18 -15.04 20.55
N PRO B 30 3.40 -14.60 20.27
CA PRO B 30 3.59 -13.49 19.34
C PRO B 30 3.54 -13.93 17.89
N ILE B 31 3.30 -12.94 17.02
CA ILE B 31 3.26 -13.15 15.58
C ILE B 31 4.00 -12.02 14.89
N GLU B 32 4.88 -12.37 13.94
CA GLU B 32 5.61 -11.41 13.13
C GLU B 32 5.10 -11.49 11.70
N LEU B 33 4.54 -10.40 11.21
CA LEU B 33 3.97 -10.33 9.86
C LEU B 33 4.82 -9.43 8.99
N SER B 34 5.30 -9.97 7.88
CA SER B 34 5.96 -9.20 6.83
C SER B 34 5.06 -9.19 5.60
N VAL B 35 5.00 -8.04 4.93
CA VAL B 35 4.15 -7.87 3.77
C VAL B 35 5.02 -7.41 2.59
N GLY B 36 4.81 -8.03 1.44
CA GLY B 36 5.47 -7.64 0.21
C GLY B 36 4.69 -8.13 -0.99
N ASN B 37 5.42 -8.50 -2.04
CA ASN B 37 4.81 -9.15 -3.20
C ASN B 37 4.97 -10.66 -3.07
N SER B 38 4.27 -11.39 -3.95
CA SER B 38 4.32 -12.85 -3.89
C SER B 38 5.75 -13.35 -4.01
N GLN B 39 6.56 -12.71 -4.86
CA GLN B 39 7.94 -13.16 -5.04
C GLN B 39 8.76 -12.96 -3.77
N ASP B 40 8.54 -11.85 -3.06
CA ASP B 40 9.18 -11.66 -1.77
C ASP B 40 8.82 -12.80 -0.81
N VAL B 41 7.55 -13.19 -0.80
CA VAL B 41 7.13 -14.30 0.06
C VAL B 41 7.85 -15.58 -0.33
N MET B 42 7.90 -15.87 -1.64
N MET B 42 7.90 -15.86 -1.64
CA MET B 42 8.55 -17.08 -2.11
CA MET B 42 8.55 -17.08 -2.11
C MET B 42 9.99 -17.16 -1.60
C MET B 42 10.00 -17.15 -1.61
N GLN B 43 10.77 -16.09 -1.82
CA GLN B 43 12.17 -16.11 -1.43
C GLN B 43 12.32 -16.23 0.09
N ALA B 44 11.44 -15.57 0.85
CA ALA B 44 11.52 -15.68 2.30
C ALA B 44 11.28 -17.12 2.75
N VAL B 45 10.32 -17.81 2.13
CA VAL B 45 10.08 -19.21 2.47
C VAL B 45 11.27 -20.07 2.07
N LEU B 46 11.81 -19.84 0.86
CA LEU B 46 12.93 -20.64 0.40
C LEU B 46 14.16 -20.44 1.28
N ASP B 47 14.36 -19.21 1.77
CA ASP B 47 15.51 -18.90 2.62
C ASP B 47 15.28 -19.24 4.09
N PHE B 48 14.16 -19.87 4.42
CA PHE B 48 13.85 -20.26 5.80
C PHE B 48 13.83 -19.06 6.73
N ARG B 49 13.42 -17.91 6.22
CA ARG B 49 13.29 -16.71 7.05
C ARG B 49 11.91 -16.56 7.66
N VAL B 50 10.91 -17.30 7.17
CA VAL B 50 9.58 -17.30 7.76
C VAL B 50 9.08 -18.74 7.83
N ASP B 51 8.04 -18.94 8.62
CA ASP B 51 7.46 -20.27 8.81
C ASP B 51 6.41 -20.60 7.76
N ILE B 52 5.73 -19.59 7.21
CA ILE B 52 4.63 -19.81 6.28
C ILE B 52 4.50 -18.57 5.41
N GLY B 53 4.05 -18.78 4.18
CA GLY B 53 3.83 -17.67 3.26
C GLY B 53 2.44 -17.74 2.66
N PHE B 54 1.95 -16.57 2.26
CA PHE B 54 0.67 -16.45 1.56
C PHE B 54 0.88 -15.61 0.31
N ILE B 55 0.48 -16.15 -0.84
CA ILE B 55 0.68 -15.50 -2.12
C ILE B 55 -0.64 -15.42 -2.87
N GLU B 56 -0.69 -14.53 -3.87
CA GLU B 56 -1.91 -14.24 -4.61
C GLU B 56 -1.71 -14.41 -6.11
N GLY B 57 -0.74 -15.22 -6.53
CA GLY B 57 -0.52 -15.51 -7.92
C GLY B 57 -0.03 -16.93 -8.13
N PRO B 58 -0.01 -17.39 -9.39
CA PRO B 58 0.36 -18.77 -9.70
C PRO B 58 1.84 -19.11 -9.54
N HIS B 60 5.31 -20.69 -8.66
CA HIS B 60 5.62 -22.11 -8.47
C HIS B 60 7.08 -22.34 -8.11
N SER B 61 7.32 -23.24 -7.17
CA SER B 61 8.67 -23.68 -6.82
C SER B 61 8.63 -25.16 -6.46
N THR B 62 9.66 -25.89 -6.88
CA THR B 62 9.74 -27.30 -6.57
C THR B 62 10.11 -27.56 -5.12
N GLU B 63 10.54 -26.53 -4.39
CA GLU B 63 10.91 -26.64 -2.99
C GLU B 63 9.78 -26.26 -2.05
N ILE B 64 8.58 -26.01 -2.59
CA ILE B 64 7.48 -25.45 -1.82
C ILE B 64 6.27 -26.36 -1.92
N ILE B 65 5.55 -26.47 -0.80
CA ILE B 65 4.21 -27.09 -0.78
C ILE B 65 3.19 -25.97 -0.80
N SER B 66 2.27 -26.03 -1.76
CA SER B 66 1.26 -25.00 -1.96
C SER B 66 -0.12 -25.61 -1.80
N GLU B 67 -0.97 -24.96 -0.99
CA GLU B 67 -2.34 -25.43 -0.78
C GLU B 67 -3.28 -24.28 -1.07
N PRO B 68 -4.35 -24.50 -1.82
CA PRO B 68 -5.36 -23.44 -1.97
C PRO B 68 -5.95 -23.09 -0.62
N TRP B 69 -5.94 -21.79 -0.31
CA TRP B 69 -6.34 -21.27 0.99
C TRP B 69 -7.64 -20.50 0.94
N LEU B 70 -7.76 -19.55 0.02
CA LEU B 70 -9.00 -18.81 -0.19
C LEU B 70 -9.15 -18.50 -1.67
N GLU B 71 -10.39 -18.42 -2.12
CA GLU B 71 -10.65 -17.84 -3.42
C GLU B 71 -10.82 -16.33 -3.29
N ASP B 72 -10.62 -15.63 -4.40
CA ASP B 72 -10.54 -14.18 -4.39
C ASP B 72 -11.03 -13.65 -5.73
N GLU B 73 -12.02 -12.77 -5.71
CA GLU B 73 -12.61 -12.25 -6.93
C GLU B 73 -11.85 -11.02 -7.40
N LEU B 74 -11.44 -11.04 -8.67
CA LEU B 74 -10.88 -9.87 -9.33
C LEU B 74 -12.01 -9.06 -9.94
N VAL B 75 -11.91 -7.74 -9.83
CA VAL B 75 -12.97 -6.83 -10.24
C VAL B 75 -12.36 -5.72 -11.10
N VAL B 76 -12.96 -5.47 -12.26
CA VAL B 76 -12.60 -4.31 -13.07
C VAL B 76 -13.31 -3.10 -12.51
N PHE B 77 -12.58 -1.99 -12.36
CA PHE B 77 -13.11 -0.81 -11.71
C PHE B 77 -12.58 0.44 -12.36
N ALA B 78 -13.29 1.55 -12.14
CA ALA B 78 -13.03 2.80 -12.81
C ALA B 78 -13.46 3.94 -11.92
N ALA B 79 -13.06 5.16 -12.28
CA ALA B 79 -13.57 6.33 -11.60
C ALA B 79 -15.10 6.37 -11.76
N PRO B 80 -15.83 6.85 -10.74
CA PRO B 80 -17.30 6.86 -10.88
C PRO B 80 -17.80 7.68 -12.06
N THR B 81 -17.04 8.69 -12.49
CA THR B 81 -17.43 9.54 -13.61
C THR B 81 -17.01 8.97 -14.96
N SER B 82 -16.33 7.84 -14.98
CA SER B 82 -15.90 7.26 -16.24
C SER B 82 -17.11 6.76 -17.04
N PRO B 83 -17.12 6.94 -18.36
CA PRO B 83 -18.19 6.32 -19.16
C PRO B 83 -18.25 4.81 -18.99
N LEU B 84 -17.13 4.19 -18.64
CA LEU B 84 -17.08 2.74 -18.43
C LEU B 84 -17.72 2.32 -17.12
N ALA B 85 -18.04 3.25 -16.23
CA ALA B 85 -18.75 2.96 -15.00
C ALA B 85 -20.26 3.02 -15.15
N ARG B 86 -20.77 3.37 -16.34
CA ARG B 86 -22.18 3.63 -16.56
C ARG B 86 -22.75 2.60 -17.54
N GLY B 87 -23.20 1.47 -16.99
CA GLY B 87 -23.87 0.47 -17.79
C GLY B 87 -22.92 -0.58 -18.32
N PRO B 88 -23.49 -1.64 -18.93
CA PRO B 88 -22.64 -2.69 -19.50
C PRO B 88 -21.69 -2.13 -20.55
N VAL B 89 -20.48 -2.67 -20.56
CA VAL B 89 -19.45 -2.31 -21.54
C VAL B 89 -19.18 -3.51 -22.44
N THR B 90 -18.72 -3.23 -23.65
CA THR B 90 -18.36 -4.27 -24.59
C THR B 90 -16.88 -4.63 -24.44
N LEU B 91 -16.53 -5.81 -24.96
CA LEU B 91 -15.12 -6.19 -25.01
C LEU B 91 -14.32 -5.17 -25.82
N GLU B 92 -14.93 -4.62 -26.88
CA GLU B 92 -14.25 -3.61 -27.67
C GLU B 92 -13.94 -2.38 -26.84
N GLN B 93 -14.91 -1.93 -26.03
CA GLN B 93 -14.68 -0.76 -25.18
C GLN B 93 -13.62 -1.05 -24.12
N LEU B 94 -13.60 -2.27 -23.57
CA LEU B 94 -12.55 -2.62 -22.62
C LEU B 94 -11.19 -2.62 -23.30
N ALA B 95 -11.11 -3.16 -24.51
CA ALA B 95 -9.84 -3.22 -25.21
C ALA B 95 -9.30 -1.83 -25.51
N ALA B 96 -10.18 -0.83 -25.63
CA ALA B 96 -9.78 0.53 -25.95
C ALA B 96 -9.53 1.39 -24.71
N ALA B 97 -9.75 0.86 -23.53
CA ALA B 97 -9.62 1.64 -22.31
C ALA B 97 -8.16 1.80 -21.92
N PRO B 98 -7.83 2.86 -21.15
CA PRO B 98 -6.45 3.02 -20.67
C PRO B 98 -6.23 2.18 -19.43
N TRP B 99 -5.41 1.14 -19.57
CA TRP B 99 -5.22 0.15 -18.51
C TRP B 99 -4.07 0.56 -17.60
N ILE B 100 -4.34 0.54 -16.30
CA ILE B 100 -3.33 0.72 -15.26
C ILE B 100 -3.02 -0.65 -14.68
N LEU B 101 -1.80 -1.13 -14.88
CA LEU B 101 -1.46 -2.53 -14.63
C LEU B 101 -0.27 -2.65 -13.71
N ARG B 102 -0.22 -3.77 -12.99
CA ARG B 102 0.97 -4.14 -12.23
C ARG B 102 2.08 -4.57 -13.18
N GLU B 103 3.30 -4.60 -12.65
CA GLU B 103 4.46 -4.89 -13.48
C GLU B 103 4.45 -6.34 -13.94
N ARG B 104 5.01 -6.57 -15.12
CA ARG B 104 5.20 -7.94 -15.59
C ARG B 104 6.05 -8.71 -14.60
N GLY B 105 5.71 -9.98 -14.40
CA GLY B 105 6.41 -10.83 -13.48
C GLY B 105 5.76 -10.94 -12.11
N SER B 106 4.87 -10.01 -11.77
CA SER B 106 4.14 -10.10 -10.52
C SER B 106 3.01 -11.13 -10.63
N GLY B 107 2.63 -11.68 -9.49
CA GLY B 107 1.54 -12.64 -9.49
C GLY B 107 0.23 -12.04 -9.96
N THR B 108 -0.07 -10.81 -9.51
CA THR B 108 -1.31 -10.17 -9.91
C THR B 108 -1.35 -9.91 -11.41
N ARG B 109 -0.24 -9.45 -11.98
CA ARG B 109 -0.23 -9.19 -13.42
C ARG B 109 -0.44 -10.48 -14.20
N GLU B 110 0.17 -11.57 -13.74
CA GLU B 110 0.05 -12.83 -14.47
C GLU B 110 -1.40 -13.33 -14.46
N ILE B 111 -2.07 -13.25 -13.30
CA ILE B 111 -3.42 -13.79 -13.21
C ILE B 111 -4.41 -12.83 -13.86
N VAL B 112 -4.16 -11.53 -13.80
CA VAL B 112 -5.01 -10.58 -14.52
C VAL B 112 -4.87 -10.78 -16.02
N ASP B 113 -3.65 -11.08 -16.49
CA ASP B 113 -3.46 -11.38 -17.91
CA ASP B 113 -3.46 -11.38 -17.91
C ASP B 113 -4.29 -12.59 -18.32
N TYR B 114 -4.29 -13.64 -17.50
CA TYR B 114 -4.95 -14.87 -17.87
C TYR B 114 -6.47 -14.73 -17.85
N LEU B 115 -7.00 -14.18 -16.77
CA LEU B 115 -8.46 -14.15 -16.60
C LEU B 115 -9.12 -13.00 -17.35
N LEU B 116 -8.37 -11.96 -17.73
CA LEU B 116 -8.99 -10.76 -18.30
C LEU B 116 -8.34 -10.32 -19.60
N LEU B 117 -7.07 -9.87 -19.51
CA LEU B 117 -6.47 -9.18 -20.65
C LEU B 117 -6.27 -10.10 -21.85
N SER B 118 -6.04 -11.39 -21.62
CA SER B 118 -5.89 -12.32 -22.74
C SER B 118 -7.17 -12.41 -23.58
N HIS B 119 -8.30 -11.93 -23.06
CA HIS B 119 -9.56 -11.96 -23.77
C HIS B 119 -9.87 -10.65 -24.49
N LEU B 120 -8.99 -9.65 -24.38
CA LEU B 120 -9.27 -8.35 -24.99
C LEU B 120 -8.52 -8.19 -26.30
N PRO B 121 -9.16 -7.64 -27.35
CA PRO B 121 -8.44 -7.40 -28.61
C PRO B 121 -7.53 -6.18 -28.58
N LYS B 122 -6.23 -6.41 -28.40
CA LYS B 122 -5.19 -5.41 -28.57
C LYS B 122 -5.36 -4.24 -27.57
N PHE B 123 -5.31 -4.59 -26.29
CA PHE B 123 -5.35 -3.56 -25.26
C PHE B 123 -4.01 -2.82 -25.18
N GLU B 124 -4.07 -1.59 -24.66
CA GLU B 124 -2.89 -0.77 -24.44
C GLU B 124 -2.78 -0.41 -22.96
N MET B 125 -1.58 -0.52 -22.42
CA MET B 125 -1.32 -0.16 -21.04
C MET B 125 -1.03 1.33 -20.98
N ALA B 126 -1.86 2.07 -20.25
CA ALA B 126 -1.64 3.50 -20.09
C ALA B 126 -0.51 3.79 -19.10
N MET B 127 -0.36 2.96 -18.08
CA MET B 127 0.71 3.14 -17.11
C MET B 127 0.88 1.87 -16.29
N GLU B 128 2.13 1.59 -15.93
CA GLU B 128 2.47 0.52 -15.01
C GLU B 128 2.76 1.12 -13.63
N LEU B 129 2.16 0.53 -12.60
CA LEU B 129 2.37 0.95 -11.22
C LEU B 129 2.62 -0.28 -10.35
N GLY B 130 3.43 -0.09 -9.31
CA GLY B 130 3.97 -1.20 -8.55
C GLY B 130 3.19 -1.66 -7.34
N ASN B 131 2.04 -1.05 -7.03
CA ASN B 131 1.25 -1.53 -5.90
C ASN B 131 -0.20 -1.11 -6.08
N SER B 132 -1.08 -1.82 -5.36
CA SER B 132 -2.51 -1.65 -5.55
C SER B 132 -2.98 -0.25 -5.13
N GLU B 133 -2.31 0.36 -4.15
CA GLU B 133 -2.81 1.63 -3.63
C GLU B 133 -2.56 2.77 -4.61
N ALA B 134 -1.38 2.80 -5.23
CA ALA B 134 -1.13 3.77 -6.28
C ALA B 134 -2.08 3.56 -7.45
N ILE B 135 -2.38 2.30 -7.78
CA ILE B 135 -3.32 2.01 -8.86
C ILE B 135 -4.70 2.55 -8.52
N LYS B 136 -5.17 2.31 -7.30
CA LYS B 136 -6.48 2.82 -6.89
C LYS B 136 -6.56 4.33 -7.04
N HIS B 137 -5.53 5.04 -6.57
CA HIS B 137 -5.55 6.50 -6.64
C HIS B 137 -5.50 6.97 -8.10
N ALA B 138 -4.70 6.31 -8.92
CA ALA B 138 -4.64 6.65 -10.34
C ALA B 138 -6.00 6.49 -10.99
N VAL B 139 -6.66 5.36 -10.75
CA VAL B 139 -7.98 5.12 -11.33
C VAL B 139 -8.99 6.11 -10.76
N ARG B 140 -8.93 6.35 -9.45
CA ARG B 140 -9.85 7.29 -8.81
C ARG B 140 -9.82 8.66 -9.47
N HIS B 141 -8.65 9.08 -9.96
CA HIS B 141 -8.50 10.39 -10.57
C HIS B 141 -8.46 10.32 -12.09
N GLY B 142 -8.93 9.23 -12.69
CA GLY B 142 -9.19 9.19 -14.11
C GLY B 142 -8.02 8.87 -15.01
N LEU B 143 -6.90 8.39 -14.46
CA LEU B 143 -5.78 8.03 -15.32
C LEU B 143 -6.11 6.83 -16.19
N GLY B 144 -7.02 5.98 -15.72
CA GLY B 144 -7.40 4.79 -16.47
C GLY B 144 -8.26 3.90 -15.62
N ILE B 145 -8.38 2.64 -16.04
CA ILE B 145 -9.10 1.62 -15.28
C ILE B 145 -8.12 0.51 -14.95
N SER B 146 -8.53 -0.38 -14.07
CA SER B 146 -7.66 -1.48 -13.67
C SER B 146 -8.50 -2.64 -13.16
N CYS B 147 -7.83 -3.65 -12.62
CA CYS B 147 -8.46 -4.88 -12.18
C CYS B 147 -7.71 -5.37 -10.95
N LEU B 148 -8.40 -5.41 -9.81
CA LEU B 148 -7.79 -5.83 -8.56
C LEU B 148 -8.80 -6.65 -7.76
N SER B 149 -8.31 -7.23 -6.67
CA SER B 149 -9.17 -7.97 -5.78
C SER B 149 -10.28 -7.08 -5.24
N ARG B 150 -11.50 -7.63 -5.20
CA ARG B 150 -12.61 -6.91 -4.59
C ARG B 150 -12.26 -6.49 -3.17
N ARG B 151 -11.49 -7.33 -2.45
CA ARG B 151 -11.12 -6.98 -1.08
C ARG B 151 -10.35 -5.66 -1.03
N VAL B 152 -9.55 -5.38 -2.06
CA VAL B 152 -8.66 -4.24 -2.01
C VAL B 152 -9.39 -2.93 -2.34
N ILE B 153 -10.48 -3.01 -3.11
CA ILE B 153 -11.26 -1.82 -3.46
C ILE B 153 -12.57 -1.73 -2.73
N GLU B 154 -12.86 -2.68 -1.82
CA GLU B 154 -14.17 -2.73 -1.18
C GLU B 154 -14.53 -1.40 -0.51
N ASP B 155 -13.61 -0.86 0.29
CA ASP B 155 -13.92 0.35 1.04
C ASP B 155 -14.24 1.51 0.10
N GLN B 156 -13.52 1.63 -1.02
CA GLN B 156 -13.78 2.74 -1.93
C GLN B 156 -15.04 2.51 -2.76
N LEU B 157 -15.34 1.26 -3.10
CA LEU B 157 -16.64 0.97 -3.70
C LEU B 157 -17.77 1.38 -2.77
N GLN B 158 -17.64 1.04 -1.48
CA GLN B 158 -18.65 1.41 -0.51
C GLN B 158 -18.75 2.93 -0.38
N ALA B 159 -17.61 3.62 -0.35
CA ALA B 159 -17.61 5.07 -0.25
C ALA B 159 -18.11 5.75 -1.51
N GLY B 160 -18.08 5.05 -2.64
CA GLY B 160 -18.48 5.63 -3.91
C GLY B 160 -17.38 6.39 -4.64
N THR B 161 -16.12 6.24 -4.22
CA THR B 161 -15.01 6.90 -4.90
C THR B 161 -14.42 6.04 -6.01
N LEU B 162 -14.76 4.75 -6.06
CA LEU B 162 -14.48 3.89 -7.18
C LEU B 162 -15.78 3.19 -7.57
N SER B 163 -15.86 2.78 -8.83
CA SER B 163 -17.06 2.12 -9.35
C SER B 163 -16.68 0.83 -10.07
N GLU B 164 -17.50 -0.19 -9.87
CA GLU B 164 -17.31 -1.47 -10.55
C GLU B 164 -17.77 -1.36 -11.99
N VAL B 165 -16.99 -1.94 -12.90
CA VAL B 165 -17.32 -1.95 -14.32
C VAL B 165 -18.08 -3.23 -14.64
N ALA B 166 -19.22 -3.08 -15.32
CA ALA B 166 -20.05 -4.21 -15.71
C ALA B 166 -19.48 -4.81 -16.99
N VAL B 167 -18.69 -5.87 -16.85
CA VAL B 167 -17.95 -6.45 -17.96
C VAL B 167 -18.69 -7.69 -18.49
N PRO B 168 -18.61 -7.97 -19.79
CA PRO B 168 -19.30 -9.14 -20.36
C PRO B 168 -18.46 -10.41 -20.24
N LEU B 169 -18.06 -10.73 -19.02
CA LEU B 169 -17.17 -11.83 -18.73
C LEU B 169 -17.68 -12.58 -17.52
N PRO B 170 -17.27 -13.83 -17.33
CA PRO B 170 -17.62 -14.54 -16.10
C PRO B 170 -17.02 -13.87 -14.88
N ARG B 171 -17.57 -14.23 -13.72
CA ARG B 171 -16.95 -13.84 -12.45
C ARG B 171 -15.51 -14.34 -12.41
N LEU B 172 -14.57 -13.41 -12.19
CA LEU B 172 -13.15 -13.70 -12.35
C LEU B 172 -12.56 -14.07 -10.98
N MET B 173 -12.28 -15.36 -10.81
CA MET B 173 -11.87 -15.91 -9.52
C MET B 173 -10.44 -16.42 -9.62
N ARG B 174 -9.59 -15.95 -8.72
CA ARG B 174 -8.22 -16.44 -8.58
C ARG B 174 -8.08 -17.15 -7.23
N THR B 175 -6.91 -17.73 -7.02
CA THR B 175 -6.61 -18.50 -5.83
C THR B 175 -5.57 -17.77 -4.97
N LEU B 176 -5.87 -17.66 -3.67
CA LEU B 176 -4.88 -17.23 -2.68
C LEU B 176 -4.30 -18.49 -2.07
N TRP B 177 -2.98 -18.64 -2.16
CA TRP B 177 -2.29 -19.85 -1.78
C TRP B 177 -1.60 -19.69 -0.43
N ARG B 178 -1.64 -20.76 0.36
CA ARG B 178 -0.78 -20.90 1.54
C ARG B 178 0.40 -21.79 1.17
N ILE B 179 1.60 -21.37 1.53
CA ILE B 179 2.81 -22.10 1.15
C ILE B 179 3.74 -22.24 2.34
N HIS B 180 4.53 -23.33 2.30
CA HIS B 180 5.63 -23.54 3.24
C HIS B 180 6.65 -24.44 2.55
N HIS B 181 7.85 -24.48 3.11
CA HIS B 181 8.90 -25.31 2.52
C HIS B 181 8.51 -26.78 2.63
N ARG B 182 8.84 -27.55 1.59
CA ARG B 182 8.30 -28.91 1.46
C ARG B 182 8.77 -29.84 2.57
N GLN B 183 9.86 -29.50 3.26
CA GLN B 183 10.34 -30.31 4.38
C GLN B 183 10.01 -29.69 5.73
N LYS B 184 9.35 -28.53 5.73
CA LYS B 184 8.86 -27.93 6.96
C LYS B 184 7.65 -28.69 7.48
N HIS B 185 7.55 -28.79 8.80
CA HIS B 185 6.37 -29.34 9.47
C HIS B 185 5.67 -28.21 10.21
N LEU B 186 4.35 -28.11 10.01
CA LEU B 186 3.58 -27.05 10.65
C LEU B 186 3.41 -27.39 12.13
N SER B 187 4.03 -26.58 13.00
CA SER B 187 3.89 -26.78 14.43
C SER B 187 2.43 -26.68 14.84
N ASN B 188 2.14 -27.21 16.04
CA ASN B 188 0.79 -27.09 16.56
C ASN B 188 0.46 -25.65 16.89
N ALA B 189 1.48 -24.85 17.23
CA ALA B 189 1.25 -23.43 17.44
C ALA B 189 0.85 -22.74 16.15
N LEU B 190 1.49 -23.10 15.04
CA LEU B 190 1.15 -22.50 13.75
C LEU B 190 -0.13 -23.09 13.18
N ARG B 191 -0.34 -24.40 13.35
CA ARG B 191 -1.58 -25.01 12.89
C ARG B 191 -2.78 -24.45 13.64
N ARG B 192 -2.60 -24.08 14.91
CA ARG B 192 -3.67 -23.44 15.66
C ARG B 192 -3.99 -22.07 15.07
N PHE B 193 -2.96 -21.27 14.81
CA PHE B 193 -3.18 -19.98 14.16
C PHE B 193 -3.85 -20.17 12.80
N LEU B 194 -3.45 -21.20 12.06
CA LEU B 194 -4.05 -21.45 10.77
C LEU B 194 -5.52 -21.83 10.88
N ASP B 195 -5.95 -22.35 12.04
CA ASP B 195 -7.37 -22.54 12.27
C ASP B 195 -8.11 -21.20 12.28
N TYR B 196 -7.45 -20.14 12.74
CA TYR B 196 -8.01 -18.81 12.61
C TYR B 196 -7.91 -18.30 11.17
N CYS B 197 -6.94 -18.80 10.40
CA CYS B 197 -6.91 -18.57 8.95
C CYS B 197 -7.66 -19.69 8.23
N ASP B 198 -8.90 -19.86 8.62
CA ASP B 198 -9.78 -20.86 8.04
C ASP B 198 -11.11 -20.16 7.86
N PRO B 199 -11.67 -20.12 6.64
CA PRO B 199 -12.93 -19.38 6.55
C PRO B 199 -14.07 -20.06 7.29
#